data_6GGU
#
_entry.id   6GGU
#
_cell.length_a   144.060
_cell.length_b   144.060
_cell.length_c   95.060
_cell.angle_alpha   90.00
_cell.angle_beta   90.00
_cell.angle_gamma   120.00
#
_symmetry.space_group_name_H-M   'P 63 2 2'
#
loop_
_entity.id
_entity.type
_entity.pdbx_description
1 polymer '5,10-methenyltetrahydromethanopterin hydrogenase'
2 non-polymer '2-(N-MORPHOLINO)-ETHANESULFONIC ACID'
3 non-polymer 'SULFATE ION'
4 non-polymer 'iron-guanylyl pyridinol cofactor'
5 non-polymer GLYCEROL
6 water water
#
_entity_poly.entity_id   1
_entity_poly.type   'polypeptide(L)'
_entity_poly.pdbx_seq_one_letter_code
;MKLAILGAGCYRTHAASGITNFSRACEVAEMVGKPEIAMTHSTITMGAELKELAGVDEVVVADPVFDNQFTVIDDFAYED
VIEAHKEDPEKIMPQIREKVNEVAKELPKPPEGAIHFTHPEDLGFEITTDDREAVADADFIMTWFPKGDMQPDIINKFID
DIKPGAIVTHACTIPTTKFYKIFEQKHGDLVTKPETLNVTSYHPGAVPEMKGQVYIAEGYASEDAIETLFELGQKARGNA
YRLPAELLGPVCDMCSALTAITYAGILSYRDSVTQVLGAPASFAQMMAKESLEQITALMEKVGIDKMEENLDPGALLGTA
DSMNFGASAEILPTVFEILEKRKK
;
_entity_poly.pdbx_strand_id   A
#
loop_
_chem_comp.id
_chem_comp.type
_chem_comp.name
_chem_comp.formula
FE9 non-polymer 'iron-guanylyl pyridinol cofactor' 'C21 H23 Fe N6 O13 P S 4'
GOL non-polymer GLYCEROL 'C3 H8 O3'
MES non-polymer '2-(N-MORPHOLINO)-ETHANESULFONIC ACID' 'C6 H13 N O4 S'
SO4 non-polymer 'SULFATE ION' 'O4 S -2'
#
# COMPACT_ATOMS: atom_id res chain seq x y z
N MET A 1 -1.23 22.00 8.57
CA MET A 1 -1.42 21.79 7.13
C MET A 1 -2.84 21.29 6.75
N LYS A 2 -3.18 21.41 5.45
CA LYS A 2 -4.49 20.97 4.96
C LYS A 2 -4.38 19.68 4.17
N LEU A 3 -5.15 18.65 4.57
CA LEU A 3 -5.14 17.37 3.88
C LEU A 3 -6.40 17.22 3.04
N ALA A 4 -6.23 16.95 1.75
CA ALA A 4 -7.38 16.76 0.87
C ALA A 4 -7.44 15.33 0.39
N ILE A 5 -8.31 14.52 1.00
CA ILE A 5 -8.46 13.13 0.59
C ILE A 5 -9.41 13.11 -0.58
N LEU A 6 -9.01 12.50 -1.70
CA LEU A 6 -9.84 12.40 -2.89
C LEU A 6 -10.16 10.91 -3.04
N GLY A 7 -11.35 10.52 -2.58
CA GLY A 7 -11.80 9.13 -2.61
C GLY A 7 -11.97 8.60 -1.20
N ALA A 8 -13.22 8.31 -0.81
CA ALA A 8 -13.53 7.77 0.51
C ALA A 8 -13.32 6.26 0.49
N GLY A 9 -13.59 5.66 -0.67
CA GLY A 9 -13.43 4.23 -0.88
C GLY A 9 -14.66 3.45 -0.47
N CYS A 10 -14.65 2.13 -0.65
CA CYS A 10 -15.77 1.28 -0.28
C CYS A 10 -15.28 0.00 0.39
N TYR A 11 -15.99 -0.44 1.42
CA TYR A 11 -15.66 -1.65 2.18
C TYR A 11 -16.17 -2.95 1.53
N ARG A 12 -16.96 -2.91 0.44
CA ARG A 12 -17.46 -4.18 -0.12
C ARG A 12 -16.36 -5.21 -0.40
N THR A 13 -15.32 -4.79 -1.16
CA THR A 13 -14.21 -5.66 -1.55
C THR A 13 -13.46 -6.17 -0.33
N HIS A 14 -13.41 -5.39 0.77
CA HIS A 14 -12.69 -5.82 1.97
C HIS A 14 -13.49 -6.97 2.61
N ALA A 15 -14.79 -6.76 2.76
CA ALA A 15 -15.69 -7.76 3.33
C ALA A 15 -15.74 -9.00 2.45
N ALA A 16 -15.72 -8.80 1.11
CA ALA A 16 -15.79 -9.90 0.15
C ALA A 16 -14.57 -10.79 0.23
N SER A 17 -13.41 -10.20 0.50
CA SER A 17 -12.15 -10.93 0.60
C SER A 17 -12.22 -12.02 1.68
N GLY A 18 -13.00 -11.75 2.74
CA GLY A 18 -13.18 -12.66 3.87
C GLY A 18 -11.99 -12.75 4.81
N ILE A 19 -10.96 -11.93 4.60
CA ILE A 19 -9.78 -12.02 5.44
C ILE A 19 -9.35 -10.70 6.06
N THR A 20 -10.25 -9.75 6.32
CA THR A 20 -9.77 -8.51 6.93
C THR A 20 -10.46 -8.19 8.25
N ASN A 21 -9.90 -7.24 8.99
CA ASN A 21 -10.47 -6.80 10.26
C ASN A 21 -10.26 -5.29 10.43
N PHE A 22 -10.57 -4.78 11.64
CA PHE A 22 -10.44 -3.38 12.00
C PHE A 22 -9.43 -3.21 13.11
N SER A 23 -8.48 -4.15 13.22
CA SER A 23 -7.50 -4.09 14.30
C SER A 23 -6.79 -2.73 14.46
N ARG A 24 -6.31 -2.13 13.37
CA ARG A 24 -5.63 -0.82 13.46
C ARG A 24 -6.61 0.27 13.83
N ALA A 25 -7.72 0.36 13.07
CA ALA A 25 -8.74 1.36 13.30
C ALA A 25 -9.16 1.33 14.76
N CYS A 26 -9.34 0.12 15.32
CA CYS A 26 -9.72 -0.07 16.72
C CYS A 26 -8.63 0.49 17.62
N GLU A 27 -7.37 0.04 17.37
CA GLU A 27 -6.20 0.46 18.13
C GLU A 27 -6.11 1.99 18.18
N VAL A 28 -6.39 2.66 17.06
CA VAL A 28 -6.37 4.11 17.00
C VAL A 28 -7.49 4.66 17.88
N ALA A 29 -8.75 4.29 17.57
CA ALA A 29 -9.93 4.70 18.33
C ALA A 29 -9.70 4.65 19.85
N GLU A 30 -9.08 3.57 20.35
CA GLU A 30 -8.80 3.41 21.76
C GLU A 30 -7.70 4.39 22.17
N MET A 31 -6.66 4.55 21.34
CA MET A 31 -5.60 5.49 21.68
C MET A 31 -6.12 6.93 21.86
N VAL A 32 -7.01 7.40 20.97
CA VAL A 32 -7.52 8.77 21.01
C VAL A 32 -8.89 8.94 21.66
N GLY A 33 -9.45 7.88 22.21
CA GLY A 33 -10.75 7.95 22.87
C GLY A 33 -11.90 8.37 21.98
N LYS A 34 -11.87 8.00 20.71
CA LYS A 34 -12.96 8.34 19.80
C LYS A 34 -13.44 7.01 19.24
N PRO A 35 -14.51 6.42 19.82
CA PRO A 35 -14.97 5.09 19.35
C PRO A 35 -15.32 5.00 17.87
N GLU A 36 -15.89 6.05 17.30
CA GLU A 36 -16.27 6.12 15.89
C GLU A 36 -15.15 5.70 14.90
N ILE A 37 -13.86 5.84 15.30
CA ILE A 37 -12.73 5.49 14.43
C ILE A 37 -12.66 3.99 14.21
N ALA A 38 -13.03 3.22 15.22
CA ALA A 38 -13.00 1.76 15.16
C ALA A 38 -13.54 1.16 13.88
N MET A 39 -14.67 1.64 13.37
CA MET A 39 -15.20 1.03 12.14
C MET A 39 -14.94 1.82 10.87
N THR A 40 -14.07 2.87 10.93
CA THR A 40 -13.73 3.64 9.73
C THR A 40 -12.92 2.70 8.89
N HIS A 41 -12.80 2.97 7.59
CA HIS A 41 -12.02 2.10 6.73
C HIS A 41 -11.38 2.94 5.67
N SER A 42 -10.43 2.34 4.92
CA SER A 42 -9.74 3.00 3.83
C SER A 42 -9.16 4.37 4.23
N THR A 43 -9.33 5.42 3.41
CA THR A 43 -8.78 6.74 3.68
C THR A 43 -9.35 7.41 4.91
N ILE A 44 -10.56 7.03 5.33
CA ILE A 44 -11.16 7.65 6.50
C ILE A 44 -10.27 7.28 7.71
N THR A 45 -9.83 6.01 7.79
CA THR A 45 -8.96 5.60 8.89
C THR A 45 -7.68 6.39 8.82
N MET A 46 -7.07 6.43 7.64
CA MET A 46 -5.82 7.14 7.45
C MET A 46 -5.94 8.64 7.75
N GLY A 47 -7.07 9.23 7.38
CA GLY A 47 -7.32 10.64 7.65
C GLY A 47 -7.51 10.80 9.15
N ALA A 48 -8.22 9.85 9.78
CA ALA A 48 -8.47 9.84 11.22
C ALA A 48 -7.14 9.88 11.95
N GLU A 49 -6.20 9.06 11.51
CA GLU A 49 -4.86 8.98 12.10
C GLU A 49 -4.09 10.26 11.93
N LEU A 50 -4.06 10.80 10.71
CA LEU A 50 -3.32 12.02 10.43
C LEU A 50 -3.87 13.24 11.21
N LYS A 51 -5.20 13.31 11.41
CA LYS A 51 -5.77 14.44 12.15
C LYS A 51 -5.56 14.27 13.65
N GLU A 52 -5.84 13.07 14.16
CA GLU A 52 -5.75 12.75 15.59
C GLU A 52 -4.35 12.48 16.13
N LEU A 53 -3.51 11.76 15.37
CA LEU A 53 -2.16 11.42 15.81
C LEU A 53 -1.04 12.21 15.16
N ALA A 54 -1.18 12.69 13.91
CA ALA A 54 -0.09 13.44 13.28
C ALA A 54 -0.24 14.97 13.41
N GLY A 55 -1.37 15.41 13.92
CA GLY A 55 -1.61 16.85 14.08
C GLY A 55 -2.05 17.58 12.83
N VAL A 56 -2.54 16.85 11.81
CA VAL A 56 -3.00 17.55 10.61
C VAL A 56 -4.20 18.41 11.06
N ASP A 57 -4.11 19.72 10.81
CA ASP A 57 -5.12 20.70 11.23
C ASP A 57 -6.46 20.64 10.49
N GLU A 58 -6.44 20.49 9.16
CA GLU A 58 -7.68 20.47 8.38
C GLU A 58 -7.75 19.29 7.46
N VAL A 59 -8.83 18.50 7.56
CA VAL A 59 -9.05 17.33 6.71
C VAL A 59 -10.29 17.54 5.87
N VAL A 60 -10.19 17.21 4.59
CA VAL A 60 -11.29 17.34 3.65
C VAL A 60 -11.40 16.03 2.89
N VAL A 61 -12.59 15.43 2.83
CA VAL A 61 -12.78 14.17 2.09
C VAL A 61 -13.62 14.50 0.87
N ALA A 62 -13.06 14.31 -0.34
CA ALA A 62 -13.80 14.59 -1.57
C ALA A 62 -14.18 13.31 -2.30
N ASP A 63 -15.47 13.14 -2.61
CA ASP A 63 -15.90 11.94 -3.31
C ASP A 63 -17.28 12.13 -3.93
N PRO A 64 -17.42 11.92 -5.24
CA PRO A 64 -18.74 12.07 -5.87
C PRO A 64 -19.84 11.25 -5.18
N VAL A 65 -19.46 10.10 -4.56
CA VAL A 65 -20.41 9.22 -3.85
C VAL A 65 -21.26 9.92 -2.79
N PHE A 66 -20.72 10.93 -2.10
CA PHE A 66 -21.50 11.62 -1.06
C PHE A 66 -22.86 12.13 -1.60
N ASP A 67 -22.91 12.60 -2.86
CA ASP A 67 -24.16 13.05 -3.46
C ASP A 67 -24.96 11.83 -3.93
N ASN A 68 -24.27 10.71 -4.20
CA ASN A 68 -24.89 9.44 -4.61
C ASN A 68 -25.26 8.61 -3.36
N GLN A 69 -25.54 7.29 -3.50
CA GLN A 69 -25.90 6.38 -2.41
CA GLN A 69 -25.93 6.49 -2.32
C GLN A 69 -24.76 6.06 -1.46
N PHE A 70 -24.36 6.97 -0.59
CA PHE A 70 -23.27 6.74 0.35
C PHE A 70 -23.93 6.00 1.53
N THR A 71 -23.79 4.67 1.60
CA THR A 71 -24.43 3.85 2.64
C THR A 71 -23.62 3.64 3.91
N VAL A 72 -24.20 3.98 5.07
CA VAL A 72 -23.55 3.80 6.37
C VAL A 72 -24.31 2.70 7.12
N ILE A 73 -23.61 1.66 7.62
CA ILE A 73 -24.26 0.56 8.37
C ILE A 73 -24.19 0.83 9.86
N ASP A 74 -25.36 0.98 10.53
CA ASP A 74 -25.41 1.26 11.97
C ASP A 74 -25.66 -0.01 12.77
N ASP A 75 -25.66 -1.18 12.12
CA ASP A 75 -25.91 -2.48 12.78
C ASP A 75 -24.93 -2.91 13.87
N PHE A 76 -23.66 -2.51 13.77
CA PHE A 76 -22.67 -2.91 14.77
C PHE A 76 -22.24 -1.70 15.59
N ALA A 77 -22.34 -1.78 16.91
CA ALA A 77 -21.94 -0.70 17.80
C ALA A 77 -20.42 -0.65 17.81
N TYR A 78 -19.82 0.56 17.81
CA TYR A 78 -18.36 0.74 17.79
C TYR A 78 -17.65 -0.01 18.91
N GLU A 79 -18.15 0.13 20.14
CA GLU A 79 -17.57 -0.52 21.31
C GLU A 79 -17.57 -2.03 21.18
N ASP A 80 -18.63 -2.63 20.62
CA ASP A 80 -18.67 -4.09 20.47
C ASP A 80 -17.50 -4.54 19.61
N VAL A 81 -17.30 -3.85 18.49
CA VAL A 81 -16.22 -4.14 17.56
C VAL A 81 -14.86 -3.96 18.26
N ILE A 82 -14.70 -2.85 19.01
CA ILE A 82 -13.45 -2.61 19.72
C ILE A 82 -13.18 -3.77 20.67
N GLU A 83 -14.16 -4.10 21.53
CA GLU A 83 -13.99 -5.18 22.49
C GLU A 83 -13.76 -6.52 21.81
N ALA A 84 -14.42 -6.76 20.67
CA ALA A 84 -14.20 -8.00 19.96
C ALA A 84 -12.75 -8.04 19.40
N HIS A 85 -12.27 -6.90 18.85
CA HIS A 85 -10.90 -6.86 18.32
C HIS A 85 -9.81 -6.97 19.39
N LYS A 86 -10.18 -6.69 20.64
CA LYS A 86 -9.25 -6.78 21.76
C LYS A 86 -8.75 -8.21 22.03
N GLU A 87 -9.54 -9.22 21.62
CA GLU A 87 -9.18 -10.63 21.87
C GLU A 87 -9.22 -11.46 20.59
N ASP A 88 -10.25 -11.31 19.77
CA ASP A 88 -10.33 -12.06 18.53
C ASP A 88 -11.28 -11.38 17.58
N PRO A 89 -10.74 -10.76 16.51
CA PRO A 89 -11.62 -10.07 15.52
C PRO A 89 -12.71 -10.97 14.94
N GLU A 90 -12.41 -12.27 14.78
CA GLU A 90 -13.35 -13.22 14.19
C GLU A 90 -14.61 -13.45 15.01
N LYS A 91 -14.71 -12.87 16.22
CA LYS A 91 -15.92 -13.03 17.01
C LYS A 91 -17.00 -12.09 16.45
N ILE A 92 -16.63 -11.08 15.66
CA ILE A 92 -17.60 -10.16 15.04
C ILE A 92 -17.43 -10.00 13.50
N MET A 93 -16.22 -10.22 12.93
CA MET A 93 -15.99 -10.04 11.48
C MET A 93 -16.91 -10.87 10.55
N PRO A 94 -17.13 -12.17 10.82
CA PRO A 94 -18.04 -12.94 9.95
C PRO A 94 -19.42 -12.29 9.86
N GLN A 95 -19.90 -11.76 11.00
CA GLN A 95 -21.20 -11.10 11.07
C GLN A 95 -21.16 -9.80 10.26
N ILE A 96 -20.04 -9.06 10.38
CA ILE A 96 -19.86 -7.83 9.65
C ILE A 96 -19.81 -8.11 8.13
N ARG A 97 -19.10 -9.14 7.70
CA ARG A 97 -18.99 -9.43 6.27
C ARG A 97 -20.33 -9.73 5.61
N GLU A 98 -21.15 -10.55 6.26
CA GLU A 98 -22.46 -10.92 5.71
C GLU A 98 -23.34 -9.72 5.50
N LYS A 99 -23.34 -8.77 6.43
CA LYS A 99 -24.18 -7.58 6.27
C LYS A 99 -23.68 -6.73 5.10
N VAL A 100 -22.37 -6.56 4.99
CA VAL A 100 -21.77 -5.77 3.90
C VAL A 100 -22.05 -6.46 2.57
N ASN A 101 -21.92 -7.78 2.56
CA ASN A 101 -22.13 -8.56 1.36
C ASN A 101 -23.57 -8.47 0.91
N GLU A 102 -24.52 -8.46 1.89
CA GLU A 102 -25.95 -8.35 1.59
C GLU A 102 -26.23 -6.97 1.02
N VAL A 103 -25.67 -5.92 1.65
CA VAL A 103 -25.84 -4.53 1.17
C VAL A 103 -25.27 -4.39 -0.23
N ALA A 104 -24.12 -5.03 -0.47
CA ALA A 104 -23.41 -4.98 -1.76
C ALA A 104 -24.06 -5.77 -2.89
N LYS A 105 -25.04 -6.64 -2.60
CA LYS A 105 -25.69 -7.42 -3.66
C LYS A 105 -26.37 -6.50 -4.67
N GLU A 106 -27.20 -5.55 -4.19
CA GLU A 106 -27.91 -4.61 -5.07
C GLU A 106 -27.17 -3.27 -5.24
N LEU A 107 -26.48 -2.79 -4.19
CA LEU A 107 -25.79 -1.49 -4.22
C LEU A 107 -24.83 -1.33 -5.40
N PRO A 108 -24.87 -0.19 -6.12
CA PRO A 108 -23.96 -0.02 -7.25
C PRO A 108 -22.53 0.17 -6.79
N LYS A 109 -21.57 -0.06 -7.68
CA LYS A 109 -20.17 0.10 -7.36
C LYS A 109 -19.81 1.60 -7.28
N PRO A 110 -18.69 1.98 -6.65
CA PRO A 110 -18.35 3.41 -6.60
C PRO A 110 -18.11 3.97 -8.01
N PRO A 111 -18.29 5.28 -8.23
CA PRO A 111 -18.72 6.31 -7.27
C PRO A 111 -20.22 6.38 -7.02
N GLU A 112 -21.03 5.42 -7.52
CA GLU A 112 -22.48 5.48 -7.32
C GLU A 112 -22.90 4.90 -5.94
N GLY A 113 -22.05 4.05 -5.36
CA GLY A 113 -22.33 3.47 -4.05
C GLY A 113 -21.08 3.22 -3.23
N ALA A 114 -21.20 3.31 -1.89
CA ALA A 114 -20.05 3.08 -1.01
C ALA A 114 -20.50 2.55 0.32
N ILE A 115 -19.88 1.51 0.82
CA ILE A 115 -20.28 0.97 2.09
C ILE A 115 -19.30 1.44 3.17
N HIS A 116 -19.81 2.19 4.15
CA HIS A 116 -19.03 2.72 5.26
C HIS A 116 -19.75 2.36 6.54
N PHE A 117 -19.13 2.65 7.68
CA PHE A 117 -19.74 2.39 8.98
C PHE A 117 -19.68 3.65 9.84
N THR A 118 -18.92 4.67 9.40
CA THR A 118 -18.79 5.92 10.14
C THR A 118 -18.95 7.06 9.18
N HIS A 119 -19.70 8.10 9.58
CA HIS A 119 -19.93 9.30 8.77
C HIS A 119 -18.69 10.18 8.90
N PRO A 120 -17.93 10.42 7.80
CA PRO A 120 -16.73 11.26 7.91
C PRO A 120 -16.92 12.56 8.69
N GLU A 121 -18.08 13.23 8.51
CA GLU A 121 -18.41 14.48 9.20
C GLU A 121 -18.19 14.37 10.72
N ASP A 122 -18.53 13.19 11.32
CA ASP A 122 -18.38 12.95 12.76
C ASP A 122 -16.94 13.06 13.23
N LEU A 123 -15.96 12.79 12.35
CA LEU A 123 -14.55 12.87 12.68
C LEU A 123 -14.01 14.30 12.52
N GLY A 124 -14.92 15.26 12.31
CA GLY A 124 -14.56 16.66 12.13
C GLY A 124 -14.18 17.00 10.71
N PHE A 125 -14.27 16.00 9.81
CA PHE A 125 -13.88 16.16 8.43
C PHE A 125 -14.90 16.93 7.63
N GLU A 126 -14.43 17.63 6.60
CA GLU A 126 -15.29 18.39 5.72
C GLU A 126 -15.53 17.47 4.56
N ILE A 127 -16.77 17.28 4.16
CA ILE A 127 -17.05 16.38 3.05
C ILE A 127 -17.37 17.22 1.82
N THR A 128 -16.97 16.75 0.63
CA THR A 128 -17.25 17.49 -0.62
C THR A 128 -17.42 16.53 -1.76
N THR A 129 -18.23 16.92 -2.73
CA THR A 129 -18.47 16.13 -3.93
C THR A 129 -17.43 16.54 -4.98
N ASP A 130 -17.08 17.84 -5.02
CA ASP A 130 -16.12 18.42 -5.94
C ASP A 130 -14.66 18.47 -5.45
N ASP A 131 -13.76 17.85 -6.24
CA ASP A 131 -12.32 17.74 -5.95
C ASP A 131 -11.56 19.07 -5.99
N ARG A 132 -11.93 19.99 -6.90
CA ARG A 132 -11.23 21.26 -7.01
C ARG A 132 -11.30 22.02 -5.70
N GLU A 133 -12.48 22.07 -5.09
CA GLU A 133 -12.69 22.77 -3.81
C GLU A 133 -11.84 22.13 -2.72
N ALA A 134 -11.73 20.80 -2.76
CA ALA A 134 -10.96 20.07 -1.78
C ALA A 134 -9.47 20.35 -1.87
N VAL A 135 -8.88 20.24 -3.07
CA VAL A 135 -7.43 20.46 -3.23
C VAL A 135 -7.02 21.91 -2.98
N ALA A 136 -7.94 22.86 -3.04
CA ALA A 136 -7.59 24.26 -2.81
C ALA A 136 -6.88 24.43 -1.45
N ASP A 137 -5.64 24.95 -1.45
CA ASP A 137 -4.87 25.19 -0.23
C ASP A 137 -4.41 23.89 0.43
N ALA A 138 -4.50 22.76 -0.28
CA ALA A 138 -4.07 21.50 0.32
C ALA A 138 -2.56 21.35 0.20
N ASP A 139 -1.92 21.09 1.34
CA ASP A 139 -0.47 20.89 1.39
C ASP A 139 -0.18 19.42 1.07
N PHE A 140 -1.17 18.56 1.36
CA PHE A 140 -1.04 17.14 1.14
C PHE A 140 -2.34 16.59 0.55
N ILE A 141 -2.31 16.16 -0.71
CA ILE A 141 -3.48 15.60 -1.38
C ILE A 141 -3.32 14.09 -1.38
N MET A 142 -4.27 13.33 -0.81
CA MET A 142 -4.16 11.86 -0.77
C MET A 142 -5.15 11.22 -1.72
N THR A 143 -4.69 10.73 -2.88
CA THR A 143 -5.60 10.14 -3.86
C THR A 143 -5.83 8.68 -3.54
N TRP A 144 -7.09 8.26 -3.69
CA TRP A 144 -7.58 6.90 -3.46
C TRP A 144 -8.54 6.67 -4.63
N PHE A 145 -8.00 6.72 -5.86
CA PHE A 145 -8.84 6.57 -7.05
C PHE A 145 -9.03 5.15 -7.53
N PRO A 146 -10.02 4.90 -8.40
CA PRO A 146 -10.22 3.54 -8.90
C PRO A 146 -9.14 3.12 -9.89
N LYS A 147 -8.94 1.80 -10.02
CA LYS A 147 -7.97 1.24 -10.96
C LYS A 147 -8.60 1.45 -12.36
N GLY A 148 -7.84 2.01 -13.28
CA GLY A 148 -8.34 2.24 -14.63
C GLY A 148 -7.79 3.46 -15.36
N ASP A 149 -8.34 3.67 -16.57
CA ASP A 149 -7.99 4.78 -17.47
C ASP A 149 -8.58 6.11 -17.00
N MET A 150 -9.37 6.11 -15.90
CA MET A 150 -10.02 7.31 -15.40
C MET A 150 -9.17 8.20 -14.53
N GLN A 151 -8.09 7.68 -13.93
CA GLN A 151 -7.25 8.47 -13.04
C GLN A 151 -6.70 9.73 -13.70
N PRO A 152 -6.23 9.70 -14.97
CA PRO A 152 -5.73 10.93 -15.60
C PRO A 152 -6.83 11.96 -15.77
N ASP A 153 -8.02 11.52 -16.19
CA ASP A 153 -9.19 12.38 -16.39
C ASP A 153 -9.73 12.90 -15.07
N ILE A 154 -9.71 12.06 -14.02
CA ILE A 154 -10.17 12.47 -12.69
C ILE A 154 -9.22 13.58 -12.22
N ILE A 155 -7.92 13.34 -12.38
CA ILE A 155 -6.91 14.32 -11.97
C ILE A 155 -6.94 15.65 -12.77
N ASN A 156 -6.97 15.60 -14.10
CA ASN A 156 -6.98 16.81 -14.93
C ASN A 156 -7.98 17.87 -14.45
N LYS A 157 -9.11 17.48 -13.86
CA LYS A 157 -10.11 18.45 -13.40
C LYS A 157 -9.65 19.35 -12.25
N PHE A 158 -8.70 18.92 -11.41
CA PHE A 158 -8.25 19.75 -10.28
C PHE A 158 -6.76 20.09 -10.29
N ILE A 159 -6.02 19.58 -11.29
CA ILE A 159 -4.57 19.79 -11.42
C ILE A 159 -4.14 21.28 -11.38
N ASP A 160 -4.91 22.16 -12.04
CA ASP A 160 -4.57 23.60 -12.06
C ASP A 160 -4.86 24.22 -10.70
N ASP A 161 -5.78 23.63 -9.96
CA ASP A 161 -6.16 24.14 -8.65
C ASP A 161 -5.19 23.65 -7.57
N ILE A 162 -4.20 22.82 -7.94
CA ILE A 162 -3.22 22.32 -6.97
C ILE A 162 -2.18 23.38 -6.59
N LYS A 163 -1.94 23.51 -5.27
CA LYS A 163 -0.99 24.47 -4.73
C LYS A 163 0.44 24.06 -5.10
N PRO A 164 1.32 25.02 -5.45
CA PRO A 164 2.70 24.66 -5.78
C PRO A 164 3.40 23.92 -4.64
N GLY A 165 4.21 22.92 -4.98
CA GLY A 165 4.95 22.14 -4.00
C GLY A 165 4.13 21.15 -3.19
N ALA A 166 2.84 21.02 -3.48
CA ALA A 166 2.02 20.09 -2.70
C ALA A 166 2.47 18.65 -2.84
N ILE A 167 2.23 17.89 -1.79
CA ILE A 167 2.56 16.47 -1.75
C ILE A 167 1.35 15.74 -2.31
N VAL A 168 1.52 15.07 -3.44
CA VAL A 168 0.41 14.34 -4.02
C VAL A 168 0.77 12.88 -3.94
N THR A 169 -0.15 12.07 -3.42
CA THR A 169 0.11 10.65 -3.24
C THR A 169 -0.92 9.78 -3.94
N HIS A 170 -0.52 8.54 -4.23
CA HIS A 170 -1.34 7.48 -4.81
C HIS A 170 -1.21 6.22 -3.91
N ALA A 171 -2.10 5.27 -4.14
CA ALA A 171 -2.15 4.04 -3.37
C ALA A 171 -2.08 2.83 -4.32
N CYS A 172 -2.49 1.63 -3.87
CA CYS A 172 -2.38 0.37 -4.63
C CYS A 172 -3.02 0.32 -6.02
N THR A 173 -3.93 1.22 -6.35
CA THR A 173 -4.61 1.24 -7.65
C THR A 173 -3.76 1.71 -8.83
N ILE A 174 -2.59 2.34 -8.61
CA ILE A 174 -1.81 2.81 -9.77
C ILE A 174 -0.31 2.80 -9.51
N PRO A 175 0.53 2.48 -10.52
CA PRO A 175 1.98 2.52 -10.33
C PRO A 175 2.49 3.96 -10.18
N THR A 176 3.56 4.16 -9.42
CA THR A 176 4.06 5.51 -9.23
C THR A 176 4.36 6.25 -10.54
N THR A 177 5.12 5.58 -11.43
CA THR A 177 5.50 6.16 -12.71
C THR A 177 4.27 6.60 -13.45
N LYS A 178 3.31 5.69 -13.61
CA LYS A 178 2.09 6.02 -14.32
C LYS A 178 1.41 7.27 -13.71
N PHE A 179 1.25 7.26 -12.39
CA PHE A 179 0.64 8.36 -11.63
C PHE A 179 1.42 9.67 -11.83
N TYR A 180 2.75 9.62 -11.68
CA TYR A 180 3.62 10.78 -11.84
C TYR A 180 3.41 11.46 -13.23
N LYS A 181 3.32 10.66 -14.30
CA LYS A 181 3.15 11.18 -15.67
C LYS A 181 1.90 12.03 -15.85
N ILE A 182 0.87 11.77 -15.07
CA ILE A 182 -0.37 12.54 -15.15
C ILE A 182 -0.08 14.00 -14.77
N PHE A 183 0.67 14.21 -13.70
CA PHE A 183 1.02 15.55 -13.23
C PHE A 183 2.14 16.20 -14.03
N GLU A 184 3.32 15.57 -14.06
CA GLU A 184 4.49 16.12 -14.77
C GLU A 184 4.48 15.77 -16.23
N GLN A 185 4.59 16.78 -17.09
CA GLN A 185 4.54 16.58 -18.53
C GLN A 185 5.83 16.87 -19.26
N LYS A 186 6.30 15.87 -19.99
CA LYS A 186 7.54 15.95 -20.74
C LYS A 186 7.42 16.81 -21.97
N HIS A 187 6.31 16.70 -22.69
CA HIS A 187 6.17 17.48 -23.92
C HIS A 187 5.37 18.74 -23.67
N GLY A 188 5.86 19.85 -24.20
CA GLY A 188 5.19 21.12 -24.03
C GLY A 188 5.84 22.25 -24.80
N ASP A 189 5.75 23.44 -24.23
CA ASP A 189 6.30 24.65 -24.82
C ASP A 189 6.49 25.66 -23.70
N LEU A 190 7.10 26.81 -24.02
CA LEU A 190 7.30 27.86 -23.03
C LEU A 190 6.01 28.22 -22.30
N VAL A 191 4.89 28.20 -23.03
CA VAL A 191 3.57 28.53 -22.49
C VAL A 191 3.10 27.55 -21.42
N THR A 192 3.27 26.25 -21.64
CA THR A 192 2.84 25.25 -20.66
C THR A 192 3.88 25.16 -19.55
N LYS A 193 3.54 25.65 -18.34
CA LYS A 193 4.48 25.62 -17.22
C LYS A 193 4.56 24.25 -16.54
N PRO A 194 5.76 23.65 -16.38
CA PRO A 194 5.82 22.36 -15.67
C PRO A 194 5.25 22.46 -14.27
N GLU A 195 4.69 21.35 -13.78
CA GLU A 195 4.13 21.32 -12.46
C GLU A 195 5.30 21.27 -11.49
N THR A 196 5.07 21.66 -10.23
CA THR A 196 6.11 21.67 -9.20
C THR A 196 5.70 20.73 -8.07
N LEU A 197 4.88 19.73 -8.36
CA LEU A 197 4.40 18.88 -7.28
C LEU A 197 5.37 17.77 -6.82
N ASN A 198 5.23 17.42 -5.55
CA ASN A 198 6.03 16.39 -4.90
C ASN A 198 5.24 15.09 -4.89
N VAL A 199 5.31 14.36 -5.99
CA VAL A 199 4.60 13.10 -6.18
C VAL A 199 5.18 11.97 -5.43
N THR A 200 4.39 11.27 -4.64
CA THR A 200 4.91 10.12 -3.89
C THR A 200 3.79 9.10 -3.70
N SER A 201 3.85 8.28 -2.65
CA SER A 201 2.79 7.34 -2.39
C SER A 201 2.51 7.33 -0.88
N TYR A 202 1.29 6.92 -0.52
CA TYR A 202 0.83 6.76 0.85
C TYR A 202 0.10 5.44 0.73
N HIS A 203 0.89 4.39 0.39
CA HIS A 203 0.42 3.04 0.11
C HIS A 203 0.30 2.17 1.38
N PRO A 204 -0.92 1.80 1.78
CA PRO A 204 -1.04 1.01 3.02
C PRO A 204 -0.43 -0.39 2.99
N GLY A 205 -0.33 -0.99 1.81
CA GLY A 205 0.20 -2.33 1.70
C GLY A 205 -0.71 -3.33 2.38
N ALA A 206 -1.99 -2.94 2.55
CA ALA A 206 -3.05 -3.71 3.18
C ALA A 206 -4.22 -2.79 3.31
N VAL A 207 -5.34 -3.26 3.87
CA VAL A 207 -6.48 -2.40 4.09
C VAL A 207 -6.08 -1.49 5.27
N PRO A 208 -6.09 -0.15 5.13
CA PRO A 208 -5.65 0.71 6.23
C PRO A 208 -6.21 0.40 7.63
N GLU A 209 -7.48 -0.01 7.74
CA GLU A 209 -8.10 -0.33 9.04
C GLU A 209 -7.59 -1.63 9.69
N MET A 210 -6.86 -2.47 8.96
CA MET A 210 -6.37 -3.71 9.51
C MET A 210 -4.97 -3.53 10.05
N LYS A 211 -4.05 -2.95 9.21
CA LYS A 211 -2.63 -2.74 9.58
C LYS A 211 -2.23 -1.27 9.58
N GLY A 212 -1.33 -0.94 10.51
CA GLY A 212 -0.78 0.39 10.67
C GLY A 212 0.57 0.39 9.98
N GLN A 213 0.60 0.80 8.71
CA GLN A 213 1.82 0.82 7.92
C GLN A 213 1.64 1.61 6.64
N VAL A 214 2.69 2.24 6.16
CA VAL A 214 2.58 3.02 4.92
C VAL A 214 3.85 2.87 4.16
N TYR A 215 3.75 2.91 2.83
CA TYR A 215 4.92 2.77 1.97
C TYR A 215 4.99 4.06 1.18
N ILE A 216 6.15 4.74 1.24
CA ILE A 216 6.36 6.04 0.60
C ILE A 216 7.40 5.96 -0.52
N ALA A 217 6.92 5.98 -1.80
CA ALA A 217 7.75 5.88 -3.00
C ALA A 217 8.70 7.09 -3.15
N GLU A 218 10.01 6.79 -3.24
CA GLU A 218 11.05 7.81 -3.39
C GLU A 218 11.43 7.93 -4.87
N GLY A 219 12.13 9.01 -5.21
CA GLY A 219 12.60 9.26 -6.56
C GLY A 219 11.87 10.30 -7.39
N TYR A 220 10.65 10.73 -7.00
CA TYR A 220 9.93 11.74 -7.78
C TYR A 220 9.74 13.05 -7.04
N ALA A 221 9.77 13.00 -5.70
CA ALA A 221 9.53 14.17 -4.86
C ALA A 221 10.80 14.73 -4.21
N SER A 222 10.71 15.94 -3.67
CA SER A 222 11.86 16.52 -2.99
C SER A 222 12.12 15.66 -1.76
N GLU A 223 13.38 15.65 -1.28
CA GLU A 223 13.71 14.87 -0.10
C GLU A 223 12.90 15.47 1.08
N ASP A 224 12.74 16.80 1.14
CA ASP A 224 11.96 17.45 2.21
C ASP A 224 10.54 16.90 2.18
N ALA A 225 9.95 16.82 0.98
CA ALA A 225 8.60 16.31 0.86
C ALA A 225 8.52 14.87 1.39
N ILE A 226 9.54 14.03 1.09
CA ILE A 226 9.59 12.64 1.57
C ILE A 226 9.77 12.60 3.08
N GLU A 227 10.59 13.50 3.65
CA GLU A 227 10.82 13.53 5.08
C GLU A 227 9.55 13.96 5.82
N THR A 228 8.87 14.99 5.28
CA THR A 228 7.63 15.51 5.86
C THR A 228 6.55 14.42 5.93
N LEU A 229 6.39 13.69 4.83
CA LEU A 229 5.38 12.64 4.75
C LEU A 229 5.82 11.44 5.54
N PHE A 230 7.14 11.16 5.54
CA PHE A 230 7.67 10.04 6.30
C PHE A 230 7.37 10.24 7.78
N GLU A 231 7.62 11.45 8.29
CA GLU A 231 7.38 11.83 9.68
C GLU A 231 5.88 11.84 10.01
N LEU A 232 5.02 12.26 9.05
CA LEU A 232 3.56 12.25 9.25
C LEU A 232 3.11 10.79 9.36
N GLY A 233 3.43 10.00 8.35
CA GLY A 233 3.09 8.58 8.29
C GLY A 233 3.63 7.75 9.44
N GLN A 234 4.85 8.04 9.89
CA GLN A 234 5.40 7.31 11.03
C GLN A 234 4.48 7.53 12.25
N LYS A 235 3.99 8.78 12.45
CA LYS A 235 3.10 9.13 13.55
C LYS A 235 1.68 8.61 13.36
N ALA A 236 1.15 8.79 12.15
CA ALA A 236 -0.21 8.38 11.79
C ALA A 236 -0.42 6.88 11.69
N ARG A 237 0.42 6.19 10.91
CA ARG A 237 0.32 4.76 10.66
C ARG A 237 1.12 3.90 11.59
N GLY A 238 2.13 4.44 12.25
CA GLY A 238 2.97 3.66 13.15
C GLY A 238 4.20 3.11 12.45
N ASN A 239 4.01 2.36 11.34
CA ASN A 239 5.13 1.78 10.59
C ASN A 239 5.19 2.34 9.18
N ALA A 240 6.07 3.31 8.95
CA ALA A 240 6.21 3.91 7.62
C ALA A 240 7.50 3.41 7.00
N TYR A 241 7.48 3.14 5.69
CA TYR A 241 8.65 2.67 4.98
C TYR A 241 8.94 3.54 3.76
N ARG A 242 10.18 4.07 3.68
CA ARG A 242 10.63 4.90 2.55
C ARG A 242 11.30 3.97 1.58
N LEU A 243 10.93 3.98 0.32
CA LEU A 243 11.59 3.07 -0.60
C LEU A 243 11.55 3.57 -2.04
N PRO A 244 12.48 3.15 -2.88
CA PRO A 244 12.45 3.57 -4.29
C PRO A 244 11.11 3.23 -4.94
N ALA A 245 10.61 4.15 -5.77
CA ALA A 245 9.34 3.96 -6.48
C ALA A 245 9.24 2.62 -7.24
N GLU A 246 10.39 2.11 -7.74
CA GLU A 246 10.44 0.85 -8.50
C GLU A 246 10.13 -0.36 -7.62
N LEU A 247 10.32 -0.25 -6.30
CA LEU A 247 10.09 -1.40 -5.43
C LEU A 247 8.73 -1.43 -4.80
N LEU A 248 7.94 -0.35 -4.98
CA LEU A 248 6.61 -0.29 -4.40
C LEU A 248 5.73 -1.47 -4.80
N GLY A 249 5.79 -1.85 -6.08
CA GLY A 249 5.04 -2.98 -6.60
C GLY A 249 5.64 -4.24 -6.00
N PRO A 250 6.91 -4.51 -6.34
CA PRO A 250 7.58 -5.70 -5.78
C PRO A 250 7.29 -5.98 -4.32
N VAL A 251 7.25 -4.92 -3.47
CA VAL A 251 7.01 -5.07 -2.04
C VAL A 251 5.53 -5.13 -1.68
N CYS A 252 4.66 -4.29 -2.29
CA CYS A 252 3.24 -4.27 -1.93
C CYS A 252 2.31 -5.19 -2.76
N ASP A 253 2.70 -5.62 -3.97
CA ASP A 253 1.84 -6.49 -4.78
C ASP A 253 1.91 -7.98 -4.34
N MET A 254 1.13 -8.85 -5.01
CA MET A 254 1.08 -10.29 -4.69
C MET A 254 2.48 -10.90 -4.80
N CYS A 255 3.43 -10.26 -5.50
CA CYS A 255 4.78 -10.80 -5.64
C CYS A 255 5.58 -10.62 -4.34
N SER A 256 5.07 -9.82 -3.37
CA SER A 256 5.74 -9.58 -2.09
C SER A 256 6.44 -10.81 -1.52
N ALA A 257 5.80 -11.99 -1.59
CA ALA A 257 6.37 -13.23 -1.06
C ALA A 257 7.67 -13.57 -1.74
N LEU A 258 7.70 -13.50 -3.07
CA LEU A 258 8.93 -13.82 -3.76
C LEU A 258 9.98 -12.74 -3.52
N THR A 259 9.61 -11.46 -3.51
CA THR A 259 10.62 -10.42 -3.21
C THR A 259 11.23 -10.71 -1.85
N ALA A 260 10.39 -11.01 -0.88
CA ALA A 260 10.86 -11.32 0.47
C ALA A 260 11.87 -12.45 0.48
N ILE A 261 11.50 -13.59 -0.09
CA ILE A 261 12.35 -14.78 -0.16
C ILE A 261 13.68 -14.44 -0.78
N THR A 262 13.60 -13.86 -1.96
CA THR A 262 14.76 -13.48 -2.75
C THR A 262 15.65 -12.54 -2.00
N TYR A 263 15.09 -11.47 -1.45
CA TYR A 263 15.87 -10.49 -0.72
C TYR A 263 16.62 -11.18 0.42
N ALA A 264 15.91 -12.04 1.22
CA ALA A 264 16.59 -12.77 2.31
C ALA A 264 17.76 -13.57 1.75
N GLY A 265 17.54 -14.23 0.62
CA GLY A 265 18.58 -15.01 -0.03
C GLY A 265 19.79 -14.17 -0.35
N ILE A 266 19.56 -13.04 -1.05
CA ILE A 266 20.63 -12.11 -1.42
C ILE A 266 21.39 -11.66 -0.19
N LEU A 267 20.69 -11.08 0.81
CA LEU A 267 21.36 -10.63 2.03
C LEU A 267 22.12 -11.76 2.76
N SER A 268 21.52 -12.96 2.86
CA SER A 268 22.18 -14.11 3.52
C SER A 268 23.44 -14.50 2.73
N TYR A 269 23.26 -14.77 1.41
CA TYR A 269 24.33 -15.15 0.48
C TYR A 269 25.48 -14.14 0.55
N ARG A 270 25.16 -12.85 0.49
CA ARG A 270 26.16 -11.80 0.57
C ARG A 270 26.95 -11.90 1.83
N ASP A 271 26.25 -12.02 2.96
CA ASP A 271 26.96 -12.10 4.22
C ASP A 271 27.85 -13.33 4.33
N SER A 272 27.45 -14.48 3.77
CA SER A 272 28.33 -15.65 3.87
C SER A 272 29.61 -15.40 3.09
N VAL A 273 29.49 -14.73 1.95
CA VAL A 273 30.64 -14.43 1.12
C VAL A 273 31.53 -13.36 1.75
N THR A 274 30.96 -12.27 2.29
CA THR A 274 31.82 -11.24 2.89
C THR A 274 32.34 -11.61 4.25
N GLN A 275 31.53 -12.25 5.09
CA GLN A 275 31.96 -12.60 6.44
C GLN A 275 32.67 -13.94 6.53
N VAL A 276 32.29 -14.95 5.78
CA VAL A 276 33.02 -16.22 5.93
C VAL A 276 34.19 -16.30 4.96
N LEU A 277 33.91 -16.15 3.65
CA LEU A 277 34.96 -16.20 2.65
C LEU A 277 35.89 -14.98 2.70
N GLY A 278 35.38 -13.84 3.16
CA GLY A 278 36.17 -12.63 3.24
C GLY A 278 36.24 -11.86 1.93
N ALA A 279 35.70 -12.43 0.83
CA ALA A 279 35.72 -11.77 -0.47
C ALA A 279 35.03 -10.40 -0.42
N PRO A 280 35.38 -9.47 -1.30
CA PRO A 280 34.70 -8.17 -1.26
C PRO A 280 33.22 -8.28 -1.65
N ALA A 281 32.39 -7.34 -1.17
CA ALA A 281 30.97 -7.33 -1.50
C ALA A 281 30.78 -7.26 -3.03
N SER A 282 31.76 -6.69 -3.77
CA SER A 282 31.69 -6.60 -5.24
C SER A 282 31.70 -8.02 -5.87
N PHE A 283 32.41 -8.99 -5.23
CA PHE A 283 32.47 -10.36 -5.70
C PHE A 283 31.12 -11.00 -5.41
N ALA A 284 30.58 -10.75 -4.20
CA ALA A 284 29.26 -11.29 -3.83
C ALA A 284 28.22 -10.81 -4.86
N GLN A 285 28.31 -9.51 -5.25
CA GLN A 285 27.37 -8.92 -6.20
C GLN A 285 27.51 -9.53 -7.58
N MET A 286 28.74 -9.76 -8.03
CA MET A 286 28.99 -10.35 -9.33
C MET A 286 28.36 -11.76 -9.37
N MET A 287 28.58 -12.52 -8.30
CA MET A 287 28.03 -13.86 -8.18
C MET A 287 26.52 -13.75 -8.15
N ALA A 288 25.98 -12.88 -7.27
CA ALA A 288 24.52 -12.71 -7.14
C ALA A 288 23.92 -12.41 -8.47
N LYS A 289 24.41 -11.35 -9.13
CA LYS A 289 23.93 -10.97 -10.47
C LYS A 289 23.86 -12.19 -11.43
N GLU A 290 24.85 -13.09 -11.36
CA GLU A 290 24.89 -14.28 -12.20
C GLU A 290 23.65 -15.16 -11.94
N SER A 291 23.41 -15.46 -10.66
CA SER A 291 22.29 -16.27 -10.23
C SER A 291 20.98 -15.69 -10.72
N LEU A 292 20.68 -14.50 -10.19
CA LEU A 292 19.44 -13.83 -10.46
C LEU A 292 19.15 -13.68 -11.94
N GLU A 293 20.03 -13.04 -12.72
CA GLU A 293 19.78 -12.88 -14.15
C GLU A 293 19.51 -14.17 -14.87
N GLN A 294 20.29 -15.19 -14.60
CA GLN A 294 20.09 -16.47 -15.26
C GLN A 294 18.84 -17.23 -14.85
N ILE A 295 18.54 -17.33 -13.56
CA ILE A 295 17.34 -18.06 -13.17
C ILE A 295 16.09 -17.30 -13.69
N THR A 296 16.15 -15.95 -13.69
CA THR A 296 15.02 -15.18 -14.20
C THR A 296 14.90 -15.42 -15.73
N ALA A 297 16.04 -15.34 -16.44
CA ALA A 297 16.06 -15.60 -17.88
C ALA A 297 15.49 -16.98 -18.19
N LEU A 298 15.84 -18.02 -17.40
CA LEU A 298 15.30 -19.35 -17.65
C LEU A 298 13.80 -19.34 -17.53
N MET A 299 13.25 -18.74 -16.47
CA MET A 299 11.79 -18.68 -16.28
C MET A 299 11.12 -17.97 -17.46
N GLU A 300 11.77 -16.94 -18.02
CA GLU A 300 11.19 -16.23 -19.16
C GLU A 300 11.27 -17.06 -20.43
N LYS A 301 12.41 -17.72 -20.65
CA LYS A 301 12.69 -18.55 -21.81
C LYS A 301 11.79 -19.76 -22.00
N VAL A 302 11.57 -20.56 -20.92
CA VAL A 302 10.74 -21.78 -21.03
C VAL A 302 9.38 -21.68 -20.31
N GLY A 303 9.22 -20.70 -19.44
CA GLY A 303 7.99 -20.49 -18.68
C GLY A 303 8.11 -21.00 -17.26
N ILE A 304 7.60 -20.23 -16.28
CA ILE A 304 7.64 -20.60 -14.86
C ILE A 304 7.13 -22.04 -14.58
N ASP A 305 6.22 -22.54 -15.39
CA ASP A 305 5.65 -23.89 -15.24
C ASP A 305 6.48 -24.99 -15.92
N LYS A 306 7.61 -24.67 -16.58
CA LYS A 306 8.41 -25.68 -17.28
C LYS A 306 9.88 -25.65 -16.85
N MET A 307 10.16 -25.01 -15.72
CA MET A 307 11.54 -24.89 -15.27
C MET A 307 12.11 -26.24 -14.91
N GLU A 308 11.39 -27.03 -14.15
CA GLU A 308 11.87 -28.35 -13.72
C GLU A 308 12.28 -29.22 -14.89
N GLU A 309 11.56 -29.17 -16.03
CA GLU A 309 11.91 -29.98 -17.21
C GLU A 309 13.29 -29.55 -17.75
N ASN A 310 13.71 -28.30 -17.50
CA ASN A 310 14.98 -27.77 -18.00
C ASN A 310 16.08 -27.75 -16.93
N LEU A 311 15.75 -27.38 -15.68
CA LEU A 311 16.72 -27.36 -14.57
C LEU A 311 16.10 -28.15 -13.42
N ASP A 312 16.52 -29.39 -13.22
CA ASP A 312 16.00 -30.23 -12.18
C ASP A 312 16.34 -29.62 -10.85
N PRO A 313 15.35 -29.44 -9.95
CA PRO A 313 15.67 -28.90 -8.62
C PRO A 313 16.85 -29.62 -7.94
N GLY A 314 16.97 -30.93 -8.17
CA GLY A 314 18.04 -31.75 -7.61
C GLY A 314 19.46 -31.35 -8.01
N ALA A 315 19.61 -30.75 -9.20
CA ALA A 315 20.91 -30.32 -9.70
C ALA A 315 21.61 -29.35 -8.73
N LEU A 316 20.85 -28.60 -7.94
CA LEU A 316 21.45 -27.65 -7.01
C LEU A 316 21.81 -28.25 -5.68
N LEU A 317 21.31 -29.43 -5.37
CA LEU A 317 21.65 -30.05 -4.11
C LEU A 317 23.13 -30.50 -4.09
N GLY A 318 23.59 -31.00 -5.22
CA GLY A 318 24.97 -31.45 -5.32
C GLY A 318 26.01 -30.34 -5.29
N THR A 319 25.62 -29.11 -5.64
CA THR A 319 26.57 -28.00 -5.66
C THR A 319 26.40 -27.00 -4.52
N ALA A 320 25.18 -26.50 -4.28
CA ALA A 320 24.94 -25.51 -3.21
C ALA A 320 25.37 -25.95 -1.80
N ASP A 321 25.27 -27.25 -1.48
CA ASP A 321 25.64 -27.75 -0.15
C ASP A 321 27.01 -27.25 0.31
N SER A 322 27.97 -27.08 -0.61
CA SER A 322 29.31 -26.58 -0.27
C SER A 322 29.30 -25.12 0.17
N MET A 323 28.31 -24.33 -0.27
CA MET A 323 28.22 -22.94 0.11
C MET A 323 27.35 -22.74 1.39
N ASN A 324 26.94 -23.85 2.03
CA ASN A 324 26.12 -23.81 3.22
C ASN A 324 26.91 -23.43 4.46
N PHE A 325 27.23 -22.13 4.57
CA PHE A 325 27.97 -21.62 5.72
C PHE A 325 27.58 -20.17 5.87
N GLY A 326 27.91 -19.60 7.03
CA GLY A 326 27.62 -18.20 7.33
C GLY A 326 26.14 -17.92 7.39
N ALA A 327 25.75 -16.68 7.08
CA ALA A 327 24.35 -16.30 7.08
C ALA A 327 23.52 -17.28 6.21
N SER A 328 24.01 -17.66 5.01
CA SER A 328 23.30 -18.62 4.11
C SER A 328 22.82 -19.90 4.81
N ALA A 329 23.51 -20.36 5.85
CA ALA A 329 23.11 -21.58 6.57
C ALA A 329 21.81 -21.42 7.34
N GLU A 330 21.30 -20.19 7.47
CA GLU A 330 20.02 -19.92 8.15
C GLU A 330 18.87 -20.23 7.15
N ILE A 331 19.16 -20.18 5.85
CA ILE A 331 18.15 -20.41 4.82
C ILE A 331 18.40 -21.64 3.95
N LEU A 332 19.63 -22.13 3.83
CA LEU A 332 19.84 -23.28 2.95
C LEU A 332 19.16 -24.57 3.40
N PRO A 333 19.27 -25.01 4.66
CA PRO A 333 18.58 -26.26 5.07
C PRO A 333 17.10 -26.32 4.64
N THR A 334 16.35 -25.24 4.85
CA THR A 334 14.94 -25.17 4.43
C THR A 334 14.98 -25.35 2.89
N VAL A 335 15.65 -24.43 2.20
CA VAL A 335 15.76 -24.49 0.74
C VAL A 335 16.07 -25.89 0.20
N PHE A 336 16.91 -26.66 0.92
CA PHE A 336 17.25 -28.02 0.49
C PHE A 336 16.05 -28.99 0.62
N GLU A 337 15.23 -28.84 1.66
CA GLU A 337 14.08 -29.70 1.82
C GLU A 337 13.15 -29.49 0.63
N ILE A 338 13.05 -28.24 0.16
CA ILE A 338 12.18 -27.94 -0.98
C ILE A 338 12.74 -28.54 -2.25
N LEU A 339 14.06 -28.45 -2.47
CA LEU A 339 14.60 -29.03 -3.70
C LEU A 339 14.61 -30.58 -3.61
N GLU A 340 14.82 -31.13 -2.41
CA GLU A 340 14.79 -32.59 -2.26
C GLU A 340 13.43 -33.08 -2.75
N LYS A 341 12.35 -32.48 -2.22
CA LYS A 341 10.95 -32.80 -2.56
C LYS A 341 10.60 -32.63 -4.04
N ARG A 342 11.22 -31.68 -4.74
CA ARG A 342 10.91 -31.42 -6.15
C ARG A 342 11.88 -32.04 -7.14
N LYS A 343 12.94 -32.71 -6.69
CA LYS A 343 13.91 -33.30 -7.63
C LYS A 343 13.31 -34.41 -8.54
N LYS A 344 13.63 -34.36 -9.84
CA LYS A 344 13.19 -35.33 -10.85
C LYS A 344 13.65 -36.74 -10.51
O1 MES B . 9.70 0.51 11.25
C2 MES B . 11.01 0.49 11.84
C3 MES B . 12.09 0.96 10.85
N4 MES B . 11.45 1.71 9.76
C5 MES B . 10.47 2.63 10.34
C6 MES B . 9.28 1.83 10.86
C7 MES B . 12.49 2.38 8.95
C8 MES B . 11.80 3.08 7.78
S MES B . 12.72 3.19 6.41
O1S MES B . 14.15 2.97 6.73
O2S MES B . 12.26 2.19 5.43
O3S MES B . 12.56 4.55 5.86
S SO4 C . 26.33 -4.51 -11.88
O1 SO4 C . 27.29 -5.04 -12.86
O2 SO4 C . 26.90 -3.33 -11.23
O3 SO4 C . 25.11 -4.12 -12.61
O4 SO4 C . 26.04 -5.55 -10.88
S SO4 D . 11.28 8.42 -19.10
O1 SO4 D . 11.87 7.14 -19.48
O2 SO4 D . 12.00 9.50 -19.77
O3 SO4 D . 11.37 8.60 -17.65
O4 SO4 D . 9.87 8.46 -19.52
S SO4 E . 7.61 9.54 -24.93
O1 SO4 E . 7.76 8.11 -25.19
O2 SO4 E . 8.86 10.22 -25.28
O3 SO4 E . 6.53 10.06 -25.75
O4 SO4 E . 7.29 9.77 -23.52
O2 FE9 F . -8.51 -2.42 -2.22
FE FE9 F . -5.78 -1.11 -1.63
C1F FE9 F . -6.68 -0.94 -0.04
O1F FE9 F . -7.23 -0.88 0.95
C2F FE9 F . -4.26 -1.47 -0.72
O2F FE9 F . -3.30 -1.64 -0.16
C8 FE9 F . -5.19 0.70 -1.85
O18 FE9 F . -4.13 1.07 -1.36
C7 FE9 F . -6.06 1.63 -2.67
C6 FE9 F . -7.34 0.90 -2.90
N1 FE9 F . -7.39 -0.46 -2.49
C5 FE9 F . -8.51 1.54 -3.56
C5M FE9 F . -8.45 2.97 -4.01
C4 FE9 F . -9.73 0.71 -3.74
C3 FE9 F . -9.74 -0.71 -3.29
C3M FE9 F . -10.98 -1.54 -3.48
C2 FE9 F . -8.53 -1.25 -2.64
O3P FE9 F . -10.80 1.20 -4.40
P1 FE9 F . -12.04 1.83 -3.64
O1P FE9 F . -13.25 1.36 -4.37
O2P FE9 F . -12.02 1.39 -2.11
O5' FE9 F . -11.91 3.43 -3.72
C5' FE9 F . -12.14 4.15 -4.93
C4' FE9 F . -12.81 5.45 -4.53
O4' FE9 F . -12.56 6.48 -5.50
C1' FE9 F . -13.81 7.11 -5.77
C2' FE9 F . -14.81 5.98 -5.68
O2' FE9 F . -16.16 6.43 -5.56
C3' FE9 F . -14.32 5.27 -4.43
O3' FE9 F . -14.80 5.85 -3.20
N9A FE9 F . -13.86 7.87 -7.03
C4A FE9 F . -13.60 9.17 -7.04
N3A FE9 F . -13.20 10.03 -6.08
C2A FE9 F . -12.99 11.33 -6.36
N2A FE9 F . -12.59 12.10 -5.33
N1A FE9 F . -13.14 11.84 -7.60
C6A FE9 F . -13.54 11.08 -8.64
O6A FE9 F . -13.70 11.56 -9.79
C5A FE9 F . -13.80 9.64 -8.41
N7A FE9 F . -14.20 8.58 -9.12
C8A FE9 F . -14.25 7.51 -8.28
C1 GOL G . 20.48 -32.96 2.41
O1 GOL G . 19.41 -32.04 2.31
C2 GOL G . 21.58 -32.62 1.43
O2 GOL G . 22.41 -33.76 1.20
C3 GOL G . 22.42 -31.44 1.88
O3 GOL G . 23.06 -31.68 3.12
C1 GOL H . -8.86 -13.66 -0.97
O1 GOL H . -7.47 -13.40 -0.78
C2 GOL H . -9.52 -12.49 -1.67
O2 GOL H . -8.67 -12.01 -2.72
C3 GOL H . -10.86 -12.89 -2.25
O3 GOL H . -11.59 -11.75 -2.68
C1 GOL I . -5.38 -15.01 1.95
O1 GOL I . -4.64 -14.16 1.11
C2 GOL I . -5.86 -16.24 1.21
O2 GOL I . -7.18 -16.01 0.68
C3 GOL I . -5.87 -17.47 2.10
O3 GOL I . -4.73 -17.48 2.94
C1 GOL J . -21.87 3.69 19.35
O1 GOL J . -22.70 2.65 18.83
C2 GOL J . -21.11 3.27 20.58
O2 GOL J . -20.63 1.92 20.41
C3 GOL J . -19.95 4.20 20.86
O3 GOL J . -20.22 5.06 21.95
C1 GOL K . 30.48 -20.20 9.24
O1 GOL K . 31.68 -19.67 9.77
C2 GOL K . 30.04 -21.43 10.00
O2 GOL K . 30.15 -21.18 11.40
C3 GOL K . 28.63 -21.86 9.66
O3 GOL K . 27.68 -20.91 10.11
#